data_4HA9
#
_entry.id   4HA9
#
_cell.length_a   45.978
_cell.length_b   68.868
_cell.length_c   150.335
_cell.angle_alpha   90.00
_cell.angle_beta   90.00
_cell.angle_gamma   90.00
#
_symmetry.space_group_name_H-M   'P 21 21 21'
#
loop_
_entity.id
_entity.type
_entity.pdbx_description
1 polymer "2,5-diamino-6-ribosylamino-4(3H)-pyrimidinone 5'-phosphate reductase"
2 non-polymer 'NADPH DIHYDRO-NICOTINAMIDE-ADENINE-DINUCLEOTIDE PHOSPHATE'
3 water water
#
_entity_poly.entity_id   1
_entity_poly.type   'polypeptide(L)'
_entity_poly.pdbx_seq_one_letter_code
;GPLGSMSLTPLCEDLPQFLQNYLPNAGQTENTIVPFVTLTYAQSLDARVSRGPGVRTTISHPETKTMTHYLRHHHDGILV
GSGTVLADNPGLNCKWGPDPAANSPRPIIIDTKQKWRFDGSKMQELFIKRQGKPPIVVVTSEPIIKEQHVDYAICPINDT
TKLVDWKKLFEILKEEFNIRSVMVEGGANVINQLLLRSDIVNSLIITIGSTFLGSSGTEVSPPQTVNLKDMSWWKGITDV
VLCARLADD
;
_entity_poly.pdbx_strand_id   A,B
#
loop_
_chem_comp.id
_chem_comp.type
_chem_comp.name
_chem_comp.formula
NDP non-polymer 'NADPH DIHYDRO-NICOTINAMIDE-ADENINE-DINUCLEOTIDE PHOSPHATE' 'C21 H30 N7 O17 P3'
#
# COMPACT_ATOMS: atom_id res chain seq x y z
N GLU A 13 -13.87 14.17 17.60
CA GLU A 13 -13.11 13.86 16.39
C GLU A 13 -13.95 14.05 15.12
N ASP A 14 -13.26 14.09 13.99
CA ASP A 14 -13.90 14.37 12.72
C ASP A 14 -14.12 13.08 11.93
N LEU A 15 -13.80 11.96 12.57
CA LEU A 15 -13.83 10.65 11.91
C LEU A 15 -15.24 10.08 11.62
N PRO A 16 -16.19 10.22 12.58
CA PRO A 16 -17.55 9.78 12.26
C PRO A 16 -18.17 10.49 11.05
N GLN A 17 -18.02 11.81 10.94
CA GLN A 17 -18.54 12.52 9.76
C GLN A 17 -17.81 12.11 8.48
N PHE A 18 -16.53 11.74 8.60
CA PHE A 18 -15.78 11.30 7.44
C PHE A 18 -16.36 9.98 6.92
N LEU A 19 -16.76 9.11 7.86
CA LEU A 19 -17.27 7.78 7.55
C LEU A 19 -18.76 7.74 7.17
N GLN A 20 -19.48 8.76 7.60
CA GLN A 20 -20.96 8.77 7.56
C GLN A 20 -21.56 8.24 6.26
N ASN A 21 -21.19 8.82 5.14
CA ASN A 21 -21.80 8.47 3.85
C ASN A 21 -21.49 7.07 3.35
N TYR A 22 -20.57 6.41 4.03
CA TYR A 22 -20.06 5.11 3.60
C TYR A 22 -20.59 3.98 4.46
N LEU A 23 -21.35 4.34 5.49
CA LEU A 23 -21.98 3.37 6.41
C LEU A 23 -23.25 2.78 5.80
N PRO A 24 -23.70 1.63 6.33
CA PRO A 24 -24.93 0.96 5.88
C PRO A 24 -26.18 1.84 5.89
N ASN A 25 -26.38 2.65 6.94
CA ASN A 25 -27.57 3.49 6.98
C ASN A 25 -27.29 4.93 6.51
N ALA A 26 -26.44 5.01 5.50
CA ALA A 26 -26.40 6.14 4.61
C ALA A 26 -26.73 5.52 3.26
N GLY A 27 -27.05 4.23 3.30
CA GLY A 27 -27.49 3.49 2.12
C GLY A 27 -28.92 3.87 1.78
N GLN A 28 -29.51 4.66 2.67
CA GLN A 28 -30.83 5.28 2.49
C GLN A 28 -32.07 4.40 2.66
N THR A 29 -32.90 4.25 1.62
CA THR A 29 -34.28 3.80 1.86
C THR A 29 -34.75 2.49 1.21
N GLU A 30 -34.18 2.13 0.06
CA GLU A 30 -34.62 0.92 -0.63
C GLU A 30 -34.29 -0.33 0.17
N ASN A 31 -35.19 -1.31 0.13
CA ASN A 31 -34.86 -2.65 0.60
C ASN A 31 -34.07 -3.40 -0.47
N THR A 32 -33.17 -4.27 -0.06
CA THR A 32 -32.35 -5.04 -1.00
C THR A 32 -32.40 -6.50 -0.60
N ILE A 33 -32.14 -7.39 -1.56
CA ILE A 33 -32.07 -8.80 -1.21
C ILE A 33 -30.63 -9.18 -0.85
N VAL A 34 -29.68 -8.34 -1.27
CA VAL A 34 -28.28 -8.48 -0.89
C VAL A 34 -27.97 -7.49 0.24
N PRO A 35 -27.30 -7.95 1.31
CA PRO A 35 -26.96 -7.03 2.40
C PRO A 35 -25.91 -5.99 2.00
N PHE A 36 -25.87 -4.90 2.75
CA PHE A 36 -24.80 -3.96 2.64
C PHE A 36 -23.49 -4.61 3.11
N VAL A 37 -22.51 -4.48 2.23
CA VAL A 37 -21.19 -5.08 2.40
C VAL A 37 -20.14 -4.01 2.36
N THR A 38 -19.36 -3.89 3.42
CA THR A 38 -18.17 -3.08 3.30
C THR A 38 -16.94 -3.94 3.45
N LEU A 39 -15.97 -3.66 2.58
CA LEU A 39 -14.66 -4.29 2.58
C LEU A 39 -13.72 -3.35 3.30
N THR A 40 -13.08 -3.81 4.37
CA THR A 40 -12.28 -2.90 5.16
C THR A 40 -11.07 -3.60 5.76
N TYR A 41 -9.92 -2.93 5.75
CA TYR A 41 -8.67 -3.55 6.19
C TYR A 41 -7.56 -2.52 6.41
N ALA A 42 -6.51 -2.93 7.13
CA ALA A 42 -5.45 -2.04 7.52
C ALA A 42 -4.17 -2.60 6.90
N GLN A 43 -3.46 -1.78 6.12
CA GLN A 43 -2.24 -2.26 5.47
C GLN A 43 -1.03 -1.37 5.73
N SER A 44 0.14 -1.93 5.51
CA SER A 44 1.39 -1.18 5.48
C SER A 44 1.44 -0.34 4.19
N LEU A 45 2.48 0.49 4.05
CA LEU A 45 2.69 1.20 2.78
C LEU A 45 2.88 0.27 1.60
N ASP A 46 3.56 -0.85 1.83
CA ASP A 46 3.73 -1.87 0.78
C ASP A 46 2.56 -2.84 0.64
N ALA A 47 1.38 -2.37 1.00
CA ALA A 47 0.13 -3.12 0.85
C ALA A 47 0.14 -4.49 1.50
N ARG A 48 0.74 -4.57 2.68
CA ARG A 48 0.74 -5.81 3.39
C ARG A 48 -0.16 -5.70 4.60
N VAL A 49 -0.92 -6.76 4.88
CA VAL A 49 -1.78 -6.80 6.07
C VAL A 49 -1.12 -7.62 7.17
N SER A 50 -0.10 -8.38 6.81
CA SER A 50 0.65 -9.19 7.75
C SER A 50 2.16 -8.99 7.66
N ARG A 51 2.83 -9.63 8.61
CA ARG A 51 4.24 -9.45 8.85
C ARG A 51 5.02 -10.62 8.27
N GLY A 52 6.17 -10.32 7.67
CA GLY A 52 6.98 -11.34 7.02
C GLY A 52 8.44 -11.31 7.46
N HIS A 61 -2.34 -0.12 15.33
CA HIS A 61 -1.99 1.25 15.71
C HIS A 61 -3.19 1.99 16.32
N PRO A 62 -2.93 2.83 17.34
CA PRO A 62 -3.98 3.64 17.97
C PRO A 62 -4.74 4.50 16.97
N GLU A 63 -6.04 4.65 17.21
CA GLU A 63 -7.02 5.33 16.33
C GLU A 63 -7.61 4.42 15.25
N THR A 64 -6.83 3.49 14.72
CA THR A 64 -7.37 2.51 13.80
C THR A 64 -8.32 1.60 14.56
N LYS A 65 -7.94 1.28 15.80
CA LYS A 65 -8.68 0.35 16.65
C LYS A 65 -10.08 0.88 16.99
N THR A 66 -10.17 2.18 17.23
CA THR A 66 -11.43 2.81 17.60
C THR A 66 -12.38 2.89 16.42
N MET A 67 -11.83 3.21 15.25
CA MET A 67 -12.61 3.29 14.03
C MET A 67 -13.18 1.92 13.68
N THR A 68 -12.31 0.91 13.79
CA THR A 68 -12.65 -0.48 13.54
C THR A 68 -13.81 -0.96 14.43
N HIS A 69 -13.76 -0.62 15.70
CA HIS A 69 -14.90 -0.92 16.57
C HIS A 69 -16.15 -0.15 16.19
N TYR A 70 -15.99 1.13 15.84
CA TYR A 70 -17.10 1.99 15.41
C TYR A 70 -17.80 1.39 14.18
N LEU A 71 -17.00 0.97 13.22
CA LEU A 71 -17.49 0.29 12.03
C LEU A 71 -18.23 -0.99 12.40
N ARG A 72 -17.65 -1.77 13.31
CA ARG A 72 -18.22 -3.05 13.72
C ARG A 72 -19.60 -2.85 14.34
N HIS A 73 -19.77 -1.76 15.09
CA HIS A 73 -21.00 -1.48 15.83
C HIS A 73 -22.13 -1.08 14.90
N HIS A 74 -21.78 -0.81 13.64
CA HIS A 74 -22.75 -0.37 12.64
C HIS A 74 -23.04 -1.48 11.62
N HIS A 75 -22.53 -2.69 11.86
CA HIS A 75 -22.83 -3.85 11.01
C HIS A 75 -23.46 -5.01 11.77
N ASP A 76 -24.31 -5.77 11.08
CA ASP A 76 -24.95 -6.93 11.70
C ASP A 76 -23.98 -8.09 11.80
N GLY A 77 -23.07 -8.18 10.85
CA GLY A 77 -22.15 -9.29 10.78
C GLY A 77 -20.77 -8.82 10.46
N ILE A 78 -19.79 -9.61 10.85
CA ILE A 78 -18.40 -9.39 10.52
C ILE A 78 -17.79 -10.68 9.99
N LEU A 79 -17.34 -10.62 8.75
CA LEU A 79 -16.88 -11.80 8.03
C LEU A 79 -15.37 -11.85 7.93
N VAL A 80 -14.81 -13.02 8.24
CA VAL A 80 -13.40 -13.31 8.02
C VAL A 80 -13.25 -14.69 7.36
N GLY A 81 -12.22 -14.86 6.55
CA GLY A 81 -11.91 -16.17 6.00
C GLY A 81 -11.27 -17.06 7.05
N SER A 82 -11.26 -18.37 6.80
CA SER A 82 -10.44 -19.25 7.62
C SER A 82 -9.00 -18.85 7.37
N GLY A 83 -8.11 -19.10 8.32
CA GLY A 83 -6.77 -18.58 8.19
C GLY A 83 -6.67 -17.31 9.02
N THR A 84 -7.52 -16.32 8.71
CA THR A 84 -7.70 -15.17 9.59
C THR A 84 -8.03 -15.61 11.01
N VAL A 85 -8.95 -16.57 11.14
CA VAL A 85 -9.26 -17.12 12.46
C VAL A 85 -8.21 -18.12 12.93
N LEU A 86 -7.42 -18.65 12.00
CA LEU A 86 -6.40 -19.62 12.37
C LEU A 86 -5.04 -18.98 12.69
N ALA A 87 -4.77 -17.82 12.08
CA ALA A 87 -3.58 -17.04 12.44
C ALA A 87 -3.82 -16.41 13.80
N ASP A 88 -4.56 -15.31 13.82
CA ASP A 88 -5.09 -14.75 15.06
C ASP A 88 -6.31 -15.58 15.41
N ASN A 89 -6.55 -15.80 16.69
CA ASN A 89 -7.83 -16.36 17.13
C ASN A 89 -8.66 -15.17 17.60
N PRO A 90 -9.29 -14.46 16.65
CA PRO A 90 -9.78 -13.11 16.93
C PRO A 90 -11.14 -13.10 17.63
N GLY A 91 -11.40 -12.03 18.37
CA GLY A 91 -12.67 -11.88 19.06
C GLY A 91 -13.79 -11.53 18.10
N LEU A 92 -13.52 -10.55 17.24
CA LEU A 92 -14.48 -10.05 16.24
C LEU A 92 -15.72 -9.40 16.84
N ASN A 93 -15.63 -8.94 18.09
CA ASN A 93 -16.80 -8.39 18.78
C ASN A 93 -16.82 -6.85 18.85
N CYS A 94 -17.71 -6.31 19.66
CA CYS A 94 -17.77 -4.87 19.87
C CYS A 94 -18.08 -4.54 21.32
N ASN A 103 -26.19 -6.85 20.76
CA ASN A 103 -25.55 -5.55 20.72
C ASN A 103 -24.34 -5.45 19.74
N SER A 104 -23.48 -6.47 19.73
CA SER A 104 -22.29 -6.47 18.88
C SER A 104 -22.57 -7.37 17.67
N PRO A 105 -21.70 -7.36 16.64
CA PRO A 105 -22.01 -8.11 15.41
C PRO A 105 -21.76 -9.61 15.49
N ARG A 106 -22.49 -10.34 14.67
CA ARG A 106 -22.35 -11.78 14.54
C ARG A 106 -21.10 -12.10 13.72
N PRO A 107 -20.21 -12.92 14.28
CA PRO A 107 -19.05 -13.34 13.49
C PRO A 107 -19.43 -14.36 12.45
N ILE A 108 -18.87 -14.20 11.25
CA ILE A 108 -19.12 -15.10 10.13
C ILE A 108 -17.78 -15.57 9.59
N ILE A 109 -17.61 -16.89 9.55
CA ILE A 109 -16.33 -17.50 9.24
C ILE A 109 -16.44 -18.39 8.01
N ILE A 110 -15.62 -18.13 6.99
CA ILE A 110 -15.62 -19.00 5.82
C ILE A 110 -14.68 -20.17 6.04
N ASP A 111 -15.24 -21.35 6.22
CA ASP A 111 -14.43 -22.48 6.60
C ASP A 111 -14.95 -23.74 5.91
N THR A 112 -14.78 -23.83 4.60
CA THR A 112 -15.37 -24.93 3.85
C THR A 112 -14.61 -26.25 4.03
N LYS A 113 -13.43 -26.19 4.64
CA LYS A 113 -12.71 -27.41 4.98
C LYS A 113 -13.04 -27.87 6.39
N GLN A 114 -13.80 -27.07 7.12
CA GLN A 114 -14.29 -27.43 8.47
C GLN A 114 -13.16 -27.77 9.43
N LYS A 115 -12.19 -26.89 9.54
CA LYS A 115 -10.99 -27.17 10.29
C LYS A 115 -10.85 -26.25 11.51
N TRP A 116 -11.68 -25.22 11.56
CA TRP A 116 -11.73 -24.31 12.70
C TRP A 116 -12.69 -24.81 13.76
N ARG A 117 -12.36 -24.58 15.03
CA ARG A 117 -13.20 -25.05 16.11
C ARG A 117 -13.60 -23.89 17.01
N PHE A 118 -14.90 -23.66 17.14
CA PHE A 118 -15.44 -22.64 18.03
C PHE A 118 -15.12 -22.98 19.48
N ASP A 119 -15.41 -24.23 19.85
CA ASP A 119 -15.06 -24.76 21.16
C ASP A 119 -13.62 -24.39 21.51
N GLY A 120 -13.45 -23.66 22.61
CA GLY A 120 -12.14 -23.29 23.10
C GLY A 120 -11.51 -22.12 22.39
N SER A 121 -12.32 -21.35 21.67
CA SER A 121 -11.79 -20.15 21.00
C SER A 121 -12.03 -18.91 21.87
N LYS A 122 -11.35 -17.82 21.52
CA LYS A 122 -11.59 -16.52 22.16
C LYS A 122 -13.06 -16.14 21.98
N MET A 123 -13.56 -16.36 20.77
CA MET A 123 -14.95 -16.10 20.43
C MET A 123 -15.94 -16.83 21.33
N GLN A 124 -15.64 -18.07 21.68
CA GLN A 124 -16.48 -18.77 22.62
C GLN A 124 -16.43 -18.10 23.98
N GLU A 125 -15.23 -17.77 24.43
CA GLU A 125 -15.06 -17.17 25.75
C GLU A 125 -15.85 -15.87 25.88
N LEU A 126 -15.80 -15.05 24.82
CA LEU A 126 -16.60 -13.84 24.75
C LEU A 126 -18.09 -14.17 24.77
N PHE A 127 -18.46 -15.22 24.03
CA PHE A 127 -19.84 -15.68 24.00
C PHE A 127 -20.31 -16.18 25.37
N ILE A 128 -19.46 -16.94 26.03
CA ILE A 128 -19.83 -17.46 27.34
C ILE A 128 -19.98 -16.30 28.34
N LYS A 129 -19.16 -15.27 28.16
CA LYS A 129 -19.19 -14.10 29.05
C LYS A 129 -20.21 -13.03 28.63
N ARG A 130 -21.07 -13.38 27.67
CA ARG A 130 -22.14 -12.50 27.18
C ARG A 130 -21.60 -11.21 26.57
N GLN A 131 -20.38 -11.26 26.03
CA GLN A 131 -19.74 -10.08 25.44
C GLN A 131 -19.66 -10.19 23.92
N GLY A 132 -20.20 -11.27 23.38
CA GLY A 132 -20.11 -11.53 21.95
C GLY A 132 -21.12 -12.59 21.53
N LYS A 133 -21.43 -12.60 20.25
CA LYS A 133 -22.39 -13.56 19.73
C LYS A 133 -21.70 -14.83 19.23
N PRO A 134 -22.43 -15.95 19.16
CA PRO A 134 -21.81 -17.12 18.56
C PRO A 134 -21.77 -16.96 17.04
N PRO A 135 -20.95 -17.76 16.36
CA PRO A 135 -20.68 -17.48 14.95
C PRO A 135 -21.56 -18.24 13.95
N ILE A 136 -21.63 -17.71 12.73
CA ILE A 136 -22.21 -18.45 11.62
C ILE A 136 -21.01 -18.98 10.84
N VAL A 137 -21.02 -20.27 10.54
CA VAL A 137 -19.93 -20.87 9.79
C VAL A 137 -20.36 -21.25 8.39
N VAL A 138 -19.61 -20.77 7.40
CA VAL A 138 -19.93 -21.02 6.00
C VAL A 138 -19.27 -22.30 5.51
N VAL A 139 -20.08 -23.24 5.05
CA VAL A 139 -19.53 -24.47 4.48
C VAL A 139 -20.15 -24.73 3.11
N THR A 140 -19.58 -25.68 2.37
CA THR A 140 -20.06 -26.01 1.02
C THR A 140 -20.74 -27.38 0.96
N SER A 141 -20.63 -28.13 2.05
CA SER A 141 -21.42 -29.34 2.21
C SER A 141 -21.99 -29.39 3.62
N GLU A 142 -22.85 -30.37 3.88
CA GLU A 142 -23.37 -30.65 5.22
C GLU A 142 -22.24 -30.67 6.23
N PRO A 143 -22.38 -29.91 7.31
CA PRO A 143 -21.31 -29.86 8.32
C PRO A 143 -21.17 -31.23 8.94
N ILE A 144 -19.95 -31.72 9.08
CA ILE A 144 -19.74 -33.07 9.55
C ILE A 144 -19.87 -33.15 11.07
N ILE A 145 -19.22 -32.24 11.76
CA ILE A 145 -19.39 -32.13 13.20
C ILE A 145 -19.97 -30.76 13.58
N LYS A 146 -21.18 -30.76 14.11
CA LYS A 146 -21.83 -29.49 14.41
C LYS A 146 -21.63 -29.18 15.89
N GLU A 147 -21.13 -27.99 16.18
CA GLU A 147 -20.86 -27.59 17.55
C GLU A 147 -22.04 -26.86 18.13
N GLN A 148 -22.26 -27.00 19.43
CA GLN A 148 -23.40 -26.35 20.06
C GLN A 148 -23.37 -24.83 19.92
N HIS A 149 -24.54 -24.26 19.60
CA HIS A 149 -24.73 -22.81 19.47
C HIS A 149 -24.17 -22.22 18.17
N VAL A 150 -23.55 -23.05 17.34
CA VAL A 150 -23.05 -22.57 16.05
C VAL A 150 -24.09 -22.75 14.93
N ASP A 151 -24.25 -21.74 14.08
CA ASP A 151 -25.09 -21.88 12.89
C ASP A 151 -24.27 -22.11 11.64
N TYR A 152 -24.75 -22.99 10.78
CA TYR A 152 -24.04 -23.33 9.58
C TYR A 152 -24.77 -22.86 8.33
N ALA A 153 -24.05 -22.11 7.51
CA ALA A 153 -24.58 -21.64 6.25
C ALA A 153 -24.00 -22.51 5.16
N ILE A 154 -24.80 -23.44 4.66
CA ILE A 154 -24.37 -24.28 3.55
C ILE A 154 -24.63 -23.55 2.24
N CYS A 155 -23.56 -23.08 1.61
CA CYS A 155 -23.66 -22.24 0.43
C CYS A 155 -23.20 -22.93 -0.82
N PRO A 156 -23.82 -22.61 -1.95
CA PRO A 156 -23.42 -23.23 -3.22
C PRO A 156 -22.03 -22.79 -3.64
N ILE A 157 -21.36 -23.65 -4.39
CA ILE A 157 -20.06 -23.34 -4.96
C ILE A 157 -20.29 -22.72 -6.33
N ASN A 158 -19.46 -21.74 -6.67
CA ASN A 158 -19.45 -21.20 -8.02
C ASN A 158 -18.75 -22.17 -8.96
N ASP A 159 -19.50 -22.71 -9.93
CA ASP A 159 -18.93 -23.69 -10.86
C ASP A 159 -17.77 -23.14 -11.67
N THR A 160 -17.85 -21.86 -12.00
CA THR A 160 -16.80 -21.20 -12.78
C THR A 160 -15.51 -21.07 -11.99
N THR A 161 -15.59 -20.61 -10.74
CA THR A 161 -14.41 -20.37 -9.93
C THR A 161 -13.99 -21.56 -9.07
N LYS A 162 -14.91 -22.52 -8.88
CA LYS A 162 -14.76 -23.66 -7.96
C LYS A 162 -14.84 -23.25 -6.49
N LEU A 163 -14.91 -21.95 -6.25
CA LEU A 163 -15.00 -21.40 -4.90
C LEU A 163 -16.45 -21.09 -4.56
N VAL A 164 -16.69 -20.67 -3.31
CA VAL A 164 -18.04 -20.35 -2.87
C VAL A 164 -18.56 -19.11 -3.59
N ASP A 165 -19.81 -19.19 -4.05
CA ASP A 165 -20.47 -18.09 -4.75
C ASP A 165 -20.71 -16.96 -3.74
N TRP A 166 -19.99 -15.85 -3.91
CA TRP A 166 -20.10 -14.72 -2.99
C TRP A 166 -21.50 -14.14 -2.95
N LYS A 167 -22.10 -13.95 -4.12
CA LYS A 167 -23.43 -13.36 -4.18
C LYS A 167 -24.46 -14.22 -3.45
N LYS A 168 -24.44 -15.53 -3.70
CA LYS A 168 -25.38 -16.42 -3.02
C LYS A 168 -25.11 -16.46 -1.51
N LEU A 169 -23.83 -16.47 -1.14
CA LEU A 169 -23.47 -16.46 0.26
C LEU A 169 -24.08 -15.25 0.98
N PHE A 170 -23.85 -14.06 0.45
CA PHE A 170 -24.39 -12.86 1.07
C PHE A 170 -25.91 -12.85 1.11
N GLU A 171 -26.55 -13.33 0.05
CA GLU A 171 -28.01 -13.43 0.01
C GLU A 171 -28.58 -14.42 1.04
N ILE A 172 -27.90 -15.56 1.20
CA ILE A 172 -28.23 -16.54 2.22
C ILE A 172 -28.09 -15.93 3.62
N LEU A 173 -27.00 -15.21 3.82
CA LEU A 173 -26.73 -14.58 5.10
C LEU A 173 -27.87 -13.63 5.45
N LYS A 174 -28.35 -12.89 4.46
CA LYS A 174 -29.44 -11.96 4.69
C LYS A 174 -30.80 -12.67 4.87
N GLU A 175 -31.06 -13.66 4.03
CA GLU A 175 -32.33 -14.38 4.05
C GLU A 175 -32.48 -15.40 5.19
N GLU A 176 -31.46 -16.21 5.40
CA GLU A 176 -31.53 -17.26 6.43
C GLU A 176 -31.11 -16.79 7.83
N PHE A 177 -30.26 -15.77 7.91
CA PHE A 177 -29.70 -15.39 9.22
C PHE A 177 -29.91 -13.95 9.58
N ASN A 178 -30.62 -13.23 8.72
CA ASN A 178 -31.09 -11.90 9.08
C ASN A 178 -29.93 -10.92 9.26
N ILE A 179 -28.85 -11.17 8.54
CA ILE A 179 -27.73 -10.23 8.44
C ILE A 179 -28.05 -9.20 7.37
N ARG A 180 -28.28 -7.95 7.79
CA ARG A 180 -28.66 -6.89 6.86
C ARG A 180 -27.43 -6.20 6.29
N SER A 181 -26.31 -6.37 6.97
CA SER A 181 -25.09 -5.67 6.59
C SER A 181 -23.90 -6.43 7.11
N VAL A 182 -22.83 -6.45 6.33
CA VAL A 182 -21.66 -7.23 6.71
C VAL A 182 -20.37 -6.45 6.45
N MET A 183 -19.50 -6.51 7.46
CA MET A 183 -18.18 -5.92 7.40
C MET A 183 -17.17 -7.03 7.19
N VAL A 184 -16.61 -7.12 6.00
CA VAL A 184 -15.52 -8.08 5.84
C VAL A 184 -14.16 -7.46 6.12
N GLU A 185 -13.54 -7.95 7.18
CA GLU A 185 -12.28 -7.45 7.67
C GLU A 185 -11.23 -8.22 6.94
N GLY A 186 -11.70 -9.28 6.30
CA GLY A 186 -10.95 -9.87 5.24
C GLY A 186 -10.38 -11.23 5.43
N GLY A 187 -9.07 -11.22 5.55
CA GLY A 187 -8.24 -12.23 4.94
C GLY A 187 -7.91 -11.63 3.58
N ALA A 188 -6.61 -11.54 3.26
CA ALA A 188 -6.19 -10.98 1.99
C ALA A 188 -6.82 -11.73 0.84
N ASN A 189 -6.89 -13.06 0.99
CA ASN A 189 -7.43 -13.91 -0.03
C ASN A 189 -8.88 -13.54 -0.37
N VAL A 190 -9.63 -13.21 0.68
CA VAL A 190 -11.00 -12.80 0.52
C VAL A 190 -11.08 -11.38 -0.06
N ILE A 191 -10.21 -10.50 0.39
CA ILE A 191 -10.20 -9.14 -0.10
C ILE A 191 -9.79 -9.09 -1.58
N ASN A 192 -8.79 -9.90 -1.94
CA ASN A 192 -8.34 -10.00 -3.33
C ASN A 192 -9.44 -10.43 -4.29
N GLN A 193 -10.36 -11.24 -3.79
CA GLN A 193 -11.49 -11.67 -4.62
C GLN A 193 -12.53 -10.56 -4.65
N LEU A 194 -12.94 -10.12 -3.46
CA LEU A 194 -14.06 -9.21 -3.31
C LEU A 194 -13.80 -7.82 -3.89
N LEU A 195 -12.52 -7.49 -4.09
CA LEU A 195 -12.13 -6.20 -4.64
C LEU A 195 -12.61 -6.12 -6.10
N LEU A 196 -12.90 -7.28 -6.68
CA LEU A 196 -13.34 -7.39 -8.06
C LEU A 196 -14.84 -7.29 -8.20
N ARG A 197 -15.54 -7.28 -7.07
CA ARG A 197 -17.00 -7.42 -7.11
C ARG A 197 -17.71 -6.10 -6.81
N SER A 198 -17.78 -5.23 -7.79
CA SER A 198 -18.53 -3.99 -7.66
C SER A 198 -20.03 -4.28 -7.49
N ASP A 199 -20.46 -5.50 -7.84
CA ASP A 199 -21.85 -5.86 -7.70
C ASP A 199 -22.18 -6.36 -6.29
N ILE A 200 -21.24 -6.28 -5.37
CA ILE A 200 -21.47 -6.81 -4.03
C ILE A 200 -21.02 -5.82 -2.98
N VAL A 201 -19.82 -5.29 -3.15
CA VAL A 201 -19.23 -4.40 -2.17
C VAL A 201 -19.87 -3.03 -2.32
N ASN A 202 -20.32 -2.48 -1.19
CA ASN A 202 -20.95 -1.18 -1.20
C ASN A 202 -19.95 -0.09 -0.82
N SER A 203 -19.02 -0.44 0.06
CA SER A 203 -18.01 0.51 0.54
C SER A 203 -16.64 -0.16 0.71
N LEU A 204 -15.60 0.62 0.46
CA LEU A 204 -14.23 0.21 0.67
C LEU A 204 -13.57 1.23 1.57
N ILE A 205 -13.02 0.77 2.67
CA ILE A 205 -12.43 1.65 3.65
C ILE A 205 -11.09 1.05 4.06
N ILE A 206 -10.01 1.73 3.69
CA ILE A 206 -8.68 1.18 3.89
C ILE A 206 -7.86 2.09 4.78
N THR A 207 -7.19 1.52 5.79
CA THR A 207 -6.26 2.28 6.60
C THR A 207 -4.82 2.00 6.14
N ILE A 208 -4.08 3.05 5.83
CA ILE A 208 -2.68 2.89 5.41
C ILE A 208 -1.78 3.47 6.48
N GLY A 209 -0.96 2.62 7.09
CA GLY A 209 -0.02 3.07 8.09
C GLY A 209 1.32 3.40 7.47
N SER A 210 2.13 4.21 8.14
CA SER A 210 3.39 4.64 7.58
C SER A 210 4.53 3.74 8.04
N THR A 211 4.53 2.51 7.54
CA THR A 211 5.60 1.55 7.82
C THR A 211 5.65 0.59 6.63
N PHE A 212 6.68 -0.26 6.58
CA PHE A 212 6.80 -1.29 5.56
C PHE A 212 6.86 -2.61 6.28
N LEU A 213 6.00 -3.56 5.96
CA LEU A 213 6.08 -4.89 6.55
C LEU A 213 7.07 -5.80 5.82
N GLY A 214 7.32 -5.51 4.54
CA GLY A 214 8.31 -6.25 3.80
C GLY A 214 7.67 -7.31 2.94
N SER A 215 8.37 -7.70 1.87
CA SER A 215 7.76 -8.50 0.81
C SER A 215 7.32 -9.90 1.26
N SER A 216 7.82 -10.35 2.41
CA SER A 216 7.47 -11.69 2.91
C SER A 216 6.08 -11.70 3.54
N GLY A 217 5.60 -10.53 3.95
CA GLY A 217 4.29 -10.42 4.59
C GLY A 217 3.19 -10.66 3.58
N THR A 218 1.98 -10.98 4.04
CA THR A 218 0.91 -11.30 3.09
C THR A 218 0.24 -10.04 2.55
N GLU A 219 0.18 -9.94 1.23
CA GLU A 219 -0.23 -8.73 0.55
C GLU A 219 -1.69 -8.76 0.10
N VAL A 220 -2.27 -7.56 0.01
CA VAL A 220 -3.55 -7.40 -0.64
C VAL A 220 -3.36 -6.63 -1.96
N SER A 221 -3.59 -7.36 -3.04
CA SER A 221 -3.50 -6.82 -4.37
C SER A 221 -4.36 -7.72 -5.25
N PRO A 222 -5.34 -7.13 -5.93
CA PRO A 222 -6.22 -7.93 -6.80
C PRO A 222 -5.49 -8.32 -8.08
N PRO A 223 -5.92 -9.43 -8.73
CA PRO A 223 -5.33 -10.00 -9.95
C PRO A 223 -5.44 -9.12 -11.19
N GLN A 224 -6.30 -8.12 -11.11
CA GLN A 224 -6.56 -7.23 -12.22
C GLN A 224 -6.69 -5.81 -11.69
N THR A 225 -6.61 -4.83 -12.59
CA THR A 225 -6.75 -3.43 -12.21
C THR A 225 -8.14 -3.24 -11.62
N VAL A 226 -8.21 -2.44 -10.56
CA VAL A 226 -9.50 -2.04 -10.03
C VAL A 226 -9.52 -0.52 -9.93
N ASN A 227 -10.56 0.07 -10.51
CA ASN A 227 -10.78 1.51 -10.43
C ASN A 227 -11.79 1.82 -9.33
N LEU A 228 -11.59 2.96 -8.66
CA LEU A 228 -12.45 3.39 -7.58
C LEU A 228 -13.23 4.65 -7.96
N LYS A 229 -14.22 5.00 -7.15
CA LYS A 229 -14.98 6.24 -7.34
C LYS A 229 -15.41 6.78 -5.99
N ASP A 230 -15.88 8.03 -5.95
CA ASP A 230 -16.37 8.64 -4.71
C ASP A 230 -15.39 8.52 -3.59
N MET A 231 -14.11 8.66 -3.90
CA MET A 231 -13.12 8.47 -2.87
C MET A 231 -12.97 9.74 -2.05
N SER A 232 -12.78 9.56 -0.75
CA SER A 232 -12.34 10.65 0.12
C SER A 232 -11.35 10.13 1.15
N TRP A 233 -10.39 10.99 1.47
CA TRP A 233 -9.28 10.62 2.32
C TRP A 233 -9.38 11.32 3.64
N TRP A 234 -8.86 10.67 4.68
CA TRP A 234 -8.76 11.26 6.00
C TRP A 234 -7.33 11.00 6.46
N LYS A 235 -6.70 12.02 7.02
CA LYS A 235 -5.32 11.85 7.45
C LYS A 235 -5.25 12.02 8.95
N GLY A 236 -4.59 11.07 9.61
CA GLY A 236 -4.36 11.17 11.04
C GLY A 236 -2.91 11.52 11.25
N ILE A 237 -2.37 11.08 12.38
CA ILE A 237 -1.01 11.43 12.74
C ILE A 237 0.05 10.62 11.99
N THR A 238 -0.09 9.30 11.99
CA THR A 238 0.88 8.44 11.35
C THR A 238 0.19 7.62 10.28
N ASP A 239 -1.12 7.78 10.17
CA ASP A 239 -1.91 6.93 9.30
C ASP A 239 -2.76 7.78 8.39
N VAL A 240 -3.36 7.13 7.41
CA VAL A 240 -4.33 7.77 6.58
C VAL A 240 -5.43 6.73 6.33
N VAL A 241 -6.66 7.20 6.08
CA VAL A 241 -7.76 6.32 5.71
C VAL A 241 -8.41 6.74 4.39
N LEU A 242 -8.66 5.78 3.51
CA LEU A 242 -9.41 5.99 2.27
C LEU A 242 -10.81 5.42 2.42
N CYS A 243 -11.85 6.22 2.19
CA CYS A 243 -13.16 5.65 1.90
C CYS A 243 -13.41 5.76 0.41
N ALA A 244 -13.98 4.73 -0.18
CA ALA A 244 -14.33 4.77 -1.60
C ALA A 244 -15.38 3.74 -1.94
N ARG A 245 -15.81 3.76 -3.19
CA ARG A 245 -16.66 2.73 -3.73
C ARG A 245 -16.01 2.19 -4.99
N LEU A 246 -16.34 0.97 -5.36
CA LEU A 246 -15.76 0.33 -6.54
C LEU A 246 -16.42 0.86 -7.80
N ALA A 247 -15.61 1.32 -8.75
CA ALA A 247 -16.15 1.76 -10.04
C ALA A 247 -16.77 0.60 -10.80
N GLU B 13 0.91 26.37 -4.35
CA GLU B 13 -0.14 26.12 -3.37
C GLU B 13 0.43 25.93 -1.97
N ASP B 14 -0.29 25.17 -1.13
CA ASP B 14 0.17 24.88 0.22
C ASP B 14 1.12 23.69 0.23
N LEU B 15 1.19 22.99 -0.91
CA LEU B 15 2.02 21.80 -1.04
C LEU B 15 3.52 22.04 -0.86
N PRO B 16 4.05 23.18 -1.31
CA PRO B 16 5.45 23.47 -0.97
C PRO B 16 5.71 23.63 0.54
N GLN B 17 4.82 24.31 1.26
CA GLN B 17 4.92 24.45 2.71
C GLN B 17 4.93 23.08 3.36
N PHE B 18 4.23 22.15 2.74
CA PHE B 18 4.21 20.78 3.22
C PHE B 18 5.57 20.08 3.02
N LEU B 19 6.23 20.33 1.91
CA LEU B 19 7.48 19.66 1.56
C LEU B 19 8.70 20.24 2.27
N GLN B 20 8.55 21.47 2.74
CA GLN B 20 9.70 22.33 3.02
C GLN B 20 10.77 21.70 3.91
N ASN B 21 10.33 21.01 4.96
CA ASN B 21 11.23 20.43 5.95
C ASN B 21 11.87 19.13 5.47
N TYR B 22 11.45 18.65 4.29
CA TYR B 22 11.99 17.42 3.72
C TYR B 22 12.87 17.64 2.48
N LEU B 23 13.05 18.89 2.08
CA LEU B 23 13.93 19.22 0.95
C LEU B 23 15.38 19.21 1.44
N PRO B 24 16.34 19.17 0.51
CA PRO B 24 17.74 19.30 0.93
C PRO B 24 17.96 20.51 1.84
N ASN B 25 18.64 20.27 2.95
CA ASN B 25 19.09 21.31 3.86
C ASN B 25 20.58 21.38 3.62
N ALA B 26 21.08 22.57 3.29
CA ALA B 26 22.44 22.69 2.81
C ALA B 26 23.40 22.45 3.96
N GLY B 27 23.19 23.18 5.06
CA GLY B 27 23.91 22.90 6.26
C GLY B 27 23.33 21.62 6.81
N GLN B 28 23.92 20.49 6.43
CA GLN B 28 23.52 19.16 6.90
C GLN B 28 24.42 18.13 6.21
N THR B 29 24.74 18.41 4.95
CA THR B 29 25.65 17.57 4.18
C THR B 29 26.90 18.36 3.83
N GLU B 30 26.83 19.68 4.02
CA GLU B 30 28.01 20.53 3.89
C GLU B 30 29.05 20.01 4.87
N ASN B 31 30.31 19.95 4.43
CA ASN B 31 31.38 19.32 5.21
C ASN B 31 31.19 17.81 5.37
N THR B 32 30.48 17.19 4.43
CA THR B 32 30.49 15.75 4.28
C THR B 32 30.67 15.41 2.80
N ILE B 33 31.16 14.22 2.48
CA ILE B 33 31.36 13.81 1.11
C ILE B 33 30.14 13.14 0.50
N VAL B 34 29.09 12.98 1.31
CA VAL B 34 27.83 12.44 0.82
C VAL B 34 26.86 13.55 0.43
N PRO B 35 26.14 13.35 -0.67
CA PRO B 35 25.08 14.30 -1.06
C PRO B 35 23.81 14.04 -0.28
N PHE B 36 22.92 15.03 -0.22
CA PHE B 36 21.55 14.79 0.20
C PHE B 36 20.88 13.79 -0.76
N VAL B 37 20.25 12.77 -0.17
CA VAL B 37 19.50 11.75 -0.93
C VAL B 37 18.03 11.64 -0.58
N THR B 38 17.15 11.93 -1.55
CA THR B 38 15.75 11.62 -1.34
C THR B 38 15.23 10.51 -2.24
N LEU B 39 14.33 9.71 -1.69
CA LEU B 39 13.71 8.59 -2.38
C LEU B 39 12.28 8.96 -2.58
N THR B 40 11.84 8.93 -3.82
CA THR B 40 10.51 9.40 -4.15
C THR B 40 9.94 8.49 -5.22
N TYR B 41 8.66 8.17 -5.07
CA TYR B 41 7.94 7.48 -6.12
C TYR B 41 6.43 7.64 -5.94
N ALA B 42 5.70 7.20 -6.96
CA ALA B 42 4.26 7.25 -7.00
C ALA B 42 3.76 5.81 -7.14
N GLN B 43 2.86 5.40 -6.24
CA GLN B 43 2.35 4.03 -6.24
C GLN B 43 0.84 4.01 -6.15
N SER B 44 0.27 2.86 -6.47
CA SER B 44 -1.15 2.60 -6.31
C SER B 44 -1.34 2.13 -4.89
N LEU B 45 -2.59 1.83 -4.52
CA LEU B 45 -2.88 1.36 -3.17
C LEU B 45 -2.19 0.04 -2.93
N ASP B 46 -2.15 -0.82 -3.95
CA ASP B 46 -1.45 -2.09 -3.82
C ASP B 46 0.07 -1.99 -4.04
N ALA B 47 0.65 -0.81 -3.78
CA ALA B 47 2.12 -0.65 -3.78
C ALA B 47 2.80 -0.95 -5.13
N ARG B 48 2.13 -0.63 -6.22
CA ARG B 48 2.72 -0.89 -7.52
C ARG B 48 3.11 0.40 -8.26
N VAL B 49 4.21 0.35 -8.99
CA VAL B 49 4.67 1.54 -9.67
C VAL B 49 4.42 1.42 -11.16
N SER B 50 3.91 0.27 -11.59
CA SER B 50 3.58 0.08 -12.99
C SER B 50 2.54 -1.03 -13.23
N ARG B 51 2.44 -1.36 -14.53
CA ARG B 51 1.50 -2.34 -15.05
C ARG B 51 0.62 -3.03 -14.01
N PRO B 62 -0.68 13.62 -12.05
CA PRO B 62 -2.02 14.16 -11.84
C PRO B 62 -2.63 13.58 -10.57
N GLU B 63 -2.77 14.40 -9.52
CA GLU B 63 -2.34 15.79 -9.50
C GLU B 63 -0.91 15.89 -8.99
N THR B 64 -0.09 14.93 -9.40
CA THR B 64 1.25 14.77 -8.84
C THR B 64 2.26 15.71 -9.48
N LYS B 65 2.11 15.92 -10.78
CA LYS B 65 3.16 16.53 -11.62
C LYS B 65 3.77 17.83 -11.11
N THR B 66 2.99 18.62 -10.37
CA THR B 66 3.50 19.87 -9.82
C THR B 66 4.56 19.59 -8.76
N MET B 67 4.26 18.66 -7.86
CA MET B 67 5.18 18.31 -6.78
C MET B 67 6.52 17.76 -7.30
N THR B 68 6.43 16.83 -8.25
CA THR B 68 7.59 16.18 -8.84
C THR B 68 8.54 17.21 -9.49
N HIS B 69 7.96 18.13 -10.25
CA HIS B 69 8.76 19.14 -10.92
C HIS B 69 9.41 20.05 -9.89
N TYR B 70 8.65 20.38 -8.85
CA TYR B 70 9.15 21.20 -7.74
C TYR B 70 10.31 20.49 -7.05
N LEU B 71 10.14 19.20 -6.81
CA LEU B 71 11.19 18.39 -6.21
C LEU B 71 12.45 18.36 -7.08
N ARG B 72 12.24 18.10 -8.39
CA ARG B 72 13.33 18.01 -9.35
C ARG B 72 14.16 19.28 -9.35
N HIS B 73 13.48 20.42 -9.29
CA HIS B 73 14.17 21.69 -9.29
C HIS B 73 14.75 22.12 -7.94
N HIS B 74 14.73 21.22 -6.97
CA HIS B 74 15.44 21.42 -5.70
C HIS B 74 16.56 20.38 -5.51
N HIS B 75 16.85 19.60 -6.54
CA HIS B 75 17.97 18.66 -6.48
C HIS B 75 18.94 18.90 -7.63
N ASP B 76 20.22 18.69 -7.40
CA ASP B 76 21.22 18.77 -8.46
C ASP B 76 21.10 17.60 -9.45
N GLY B 77 20.80 16.41 -8.95
CA GLY B 77 20.75 15.25 -9.81
C GLY B 77 19.45 14.49 -9.61
N ILE B 78 19.01 13.81 -10.66
CA ILE B 78 17.90 12.89 -10.55
C ILE B 78 18.31 11.53 -11.11
N LEU B 79 18.19 10.51 -10.28
CA LEU B 79 18.63 9.16 -10.64
C LEU B 79 17.43 8.33 -11.03
N VAL B 80 17.50 7.71 -12.21
CA VAL B 80 16.44 6.83 -12.72
C VAL B 80 17.01 5.51 -13.21
N ASN B 103 18.62 25.26 -10.97
CA ASN B 103 18.28 25.06 -12.37
C ASN B 103 17.68 23.67 -12.59
N SER B 104 17.76 23.19 -13.82
CA SER B 104 17.28 21.85 -14.16
C SER B 104 18.28 20.81 -13.67
N PRO B 105 17.78 19.70 -13.14
CA PRO B 105 18.69 18.69 -12.60
C PRO B 105 19.39 17.89 -13.69
N ARG B 106 20.50 17.28 -13.31
CA ARG B 106 21.23 16.39 -14.19
C ARG B 106 20.78 14.93 -14.08
N PRO B 107 20.37 14.31 -15.20
CA PRO B 107 19.95 12.91 -15.15
C PRO B 107 21.12 11.99 -14.83
N ILE B 108 20.88 10.99 -13.98
CA ILE B 108 21.86 9.97 -13.66
C ILE B 108 21.28 8.60 -13.96
N ILE B 109 22.03 7.78 -14.68
CA ILE B 109 21.54 6.50 -15.17
C ILE B 109 22.43 5.39 -14.67
N ILE B 110 21.84 4.36 -14.07
CA ILE B 110 22.58 3.15 -13.82
C ILE B 110 22.61 2.32 -15.09
N ASP B 111 23.80 2.01 -15.56
CA ASP B 111 23.94 1.19 -16.75
C ASP B 111 25.25 0.43 -16.72
N THR B 112 25.38 -0.47 -15.76
CA THR B 112 26.62 -1.21 -15.57
C THR B 112 26.90 -2.13 -16.76
N LYS B 113 25.83 -2.66 -17.36
CA LYS B 113 25.94 -3.56 -18.52
C LYS B 113 26.21 -2.83 -19.84
N GLN B 114 26.13 -1.51 -19.82
CA GLN B 114 26.55 -0.67 -20.95
C GLN B 114 25.76 -0.86 -22.24
N LYS B 115 24.46 -1.09 -22.12
CA LYS B 115 23.61 -1.19 -23.30
C LYS B 115 22.91 0.14 -23.64
N TRP B 116 22.70 1.00 -22.66
CA TRP B 116 21.99 2.26 -22.91
C TRP B 116 22.76 3.21 -23.84
N ARG B 117 22.05 4.18 -24.41
CA ARG B 117 22.60 5.10 -25.39
C ARG B 117 21.98 6.49 -25.31
N PHE B 118 22.82 7.52 -25.33
CA PHE B 118 22.37 8.91 -25.27
C PHE B 118 21.96 9.40 -26.67
N ASP B 119 22.75 9.05 -27.68
CA ASP B 119 22.41 9.36 -29.07
C ASP B 119 21.07 8.74 -29.44
N GLY B 120 20.09 9.59 -29.77
CA GLY B 120 18.78 9.10 -30.21
C GLY B 120 17.79 8.89 -29.08
N SER B 121 18.09 9.48 -27.92
CA SER B 121 17.19 9.42 -26.78
C SER B 121 16.38 10.70 -26.71
N LYS B 122 15.22 10.63 -26.05
CA LYS B 122 14.41 11.81 -25.82
C LYS B 122 15.20 12.81 -25.00
N MET B 123 15.98 12.29 -24.06
CA MET B 123 16.81 13.08 -23.17
C MET B 123 17.82 13.92 -23.95
N GLN B 124 18.32 13.37 -25.06
CA GLN B 124 19.25 14.10 -25.92
C GLN B 124 18.56 15.19 -26.71
N GLU B 125 17.32 14.93 -27.12
CA GLU B 125 16.48 15.92 -27.80
C GLU B 125 16.22 17.11 -26.90
N LEU B 126 15.88 16.84 -25.64
CA LEU B 126 15.65 17.90 -24.67
C LEU B 126 16.92 18.72 -24.46
N PHE B 127 18.06 18.02 -24.40
CA PHE B 127 19.35 18.69 -24.24
C PHE B 127 19.69 19.61 -25.42
N ILE B 128 19.44 19.14 -26.63
CA ILE B 128 19.73 19.90 -27.83
C ILE B 128 18.88 21.17 -27.90
N LYS B 129 17.64 21.06 -27.43
CA LYS B 129 16.71 22.19 -27.41
C LYS B 129 16.94 23.12 -26.22
N ARG B 130 18.05 22.91 -25.52
CA ARG B 130 18.46 23.76 -24.40
C ARG B 130 17.49 23.76 -23.21
N GLN B 131 16.70 22.69 -23.07
CA GLN B 131 15.81 22.58 -21.91
C GLN B 131 16.12 21.36 -21.05
N GLY B 132 17.32 20.81 -21.23
CA GLY B 132 17.72 19.63 -20.48
C GLY B 132 19.23 19.48 -20.38
N LYS B 133 19.65 18.77 -19.33
CA LYS B 133 21.06 18.52 -19.09
C LYS B 133 21.47 17.14 -19.63
N PRO B 134 22.75 16.99 -20.02
CA PRO B 134 23.25 15.68 -20.46
C PRO B 134 23.47 14.78 -19.24
N PRO B 135 23.52 13.47 -19.45
CA PRO B 135 23.52 12.60 -18.26
C PRO B 135 24.88 12.27 -17.68
N ILE B 136 24.85 11.79 -16.45
CA ILE B 136 25.96 11.05 -15.87
C ILE B 136 25.58 9.57 -15.93
N VAL B 137 26.47 8.74 -16.44
CA VAL B 137 26.14 7.33 -16.60
C VAL B 137 27.00 6.47 -15.69
N VAL B 138 26.35 5.75 -14.77
CA VAL B 138 27.09 4.93 -13.81
C VAL B 138 27.47 3.58 -14.40
N VAL B 139 28.78 3.34 -14.46
CA VAL B 139 29.35 2.16 -15.07
C VAL B 139 30.34 1.51 -14.10
N THR B 140 30.79 0.31 -14.42
CA THR B 140 31.72 -0.43 -13.58
C THR B 140 33.14 -0.31 -14.10
N SER B 141 33.27 -0.16 -15.42
CA SER B 141 34.55 -0.01 -16.08
C SER B 141 34.47 1.10 -17.12
N GLU B 142 35.61 1.63 -17.52
CA GLU B 142 35.63 2.64 -18.57
C GLU B 142 35.10 2.06 -19.87
N PRO B 143 34.02 2.65 -20.39
CA PRO B 143 33.45 2.18 -21.67
C PRO B 143 34.47 2.33 -22.80
N ILE B 144 34.55 1.32 -23.66
CA ILE B 144 35.48 1.33 -24.78
C ILE B 144 35.22 2.55 -25.65
N ILE B 145 33.95 2.79 -25.97
CA ILE B 145 33.58 4.02 -26.67
C ILE B 145 32.61 4.87 -25.83
N LYS B 146 32.87 6.16 -25.80
CA LYS B 146 32.11 7.10 -24.98
C LYS B 146 31.30 8.02 -25.88
N GLU B 147 30.30 8.68 -25.33
CA GLU B 147 29.51 9.62 -26.13
C GLU B 147 29.79 11.08 -25.77
N GLN B 148 29.69 11.94 -26.78
CA GLN B 148 29.85 13.37 -26.60
C GLN B 148 28.88 13.88 -25.53
N HIS B 149 29.38 14.72 -24.63
CA HIS B 149 28.59 15.33 -23.56
C HIS B 149 28.20 14.40 -22.39
N VAL B 150 28.58 13.13 -22.46
CA VAL B 150 28.23 12.17 -21.41
C VAL B 150 29.34 11.98 -20.37
N ASP B 151 28.97 12.01 -19.10
CA ASP B 151 29.93 11.73 -18.06
C ASP B 151 29.81 10.29 -17.55
N TYR B 152 30.94 9.68 -17.24
CA TYR B 152 30.93 8.31 -16.78
C TYR B 152 31.48 8.18 -15.35
N ALA B 153 30.59 7.89 -14.41
CA ALA B 153 31.00 7.62 -13.05
C ALA B 153 31.42 6.15 -12.94
N ILE B 154 32.70 5.91 -12.77
CA ILE B 154 33.18 4.56 -12.62
C ILE B 154 33.03 4.22 -11.15
N CYS B 155 32.08 3.35 -10.84
CA CYS B 155 31.81 3.00 -9.46
C CYS B 155 32.00 1.52 -9.21
N PRO B 156 32.82 1.18 -8.20
CA PRO B 156 33.16 -0.19 -7.81
C PRO B 156 31.96 -0.99 -7.33
N ILE B 157 32.09 -2.31 -7.32
CA ILE B 157 31.05 -3.19 -6.81
C ILE B 157 31.37 -3.58 -5.36
N ASN B 158 30.35 -3.50 -4.51
CA ASN B 158 30.46 -3.95 -3.12
C ASN B 158 30.73 -5.46 -3.09
N ASP B 159 31.73 -5.87 -2.31
CA ASP B 159 32.14 -7.28 -2.25
C ASP B 159 31.07 -8.20 -1.66
N THR B 160 30.42 -7.75 -0.58
CA THR B 160 29.36 -8.51 0.06
C THR B 160 28.12 -8.61 -0.84
N THR B 161 27.56 -7.47 -1.21
CA THR B 161 26.43 -7.46 -2.14
C THR B 161 26.91 -7.97 -3.50
N LYS B 162 25.97 -8.36 -4.34
CA LYS B 162 26.31 -8.64 -5.72
C LYS B 162 26.35 -7.32 -6.47
N LEU B 163 25.58 -6.35 -5.97
CA LEU B 163 25.31 -5.11 -6.67
C LEU B 163 26.40 -4.04 -6.49
N VAL B 164 26.01 -2.79 -6.73
CA VAL B 164 26.96 -1.67 -6.72
C VAL B 164 26.96 -0.98 -5.36
N ASP B 165 28.12 -0.44 -4.96
CA ASP B 165 28.20 0.23 -3.66
C ASP B 165 27.55 1.60 -3.75
N TRP B 166 26.36 1.69 -3.16
CA TRP B 166 25.54 2.90 -3.18
C TRP B 166 26.23 4.09 -2.53
N LYS B 167 26.69 3.91 -1.30
CA LYS B 167 27.36 5.00 -0.60
C LYS B 167 28.58 5.51 -1.41
N LYS B 168 29.36 4.59 -1.98
CA LYS B 168 30.45 4.96 -2.86
C LYS B 168 29.96 5.77 -4.06
N LEU B 169 28.94 5.24 -4.72
CA LEU B 169 28.36 5.89 -5.89
C LEU B 169 27.96 7.32 -5.58
N PHE B 170 27.19 7.51 -4.51
CA PHE B 170 26.77 8.86 -4.16
C PHE B 170 27.95 9.78 -3.83
N GLU B 171 28.99 9.23 -3.23
CA GLU B 171 30.20 10.02 -2.98
C GLU B 171 30.91 10.45 -4.27
N ILE B 172 30.97 9.55 -5.24
CA ILE B 172 31.56 9.87 -6.53
C ILE B 172 30.74 10.98 -7.19
N LEU B 173 29.43 10.81 -7.18
CA LEU B 173 28.52 11.79 -7.74
C LEU B 173 28.77 13.16 -7.14
N LYS B 174 28.90 13.22 -5.82
CA LYS B 174 29.13 14.50 -5.16
C LYS B 174 30.55 15.01 -5.35
N GLU B 175 31.55 14.19 -5.05
CA GLU B 175 32.94 14.64 -5.15
C GLU B 175 33.44 14.87 -6.59
N GLU B 176 33.01 14.01 -7.52
CA GLU B 176 33.59 14.08 -8.87
C GLU B 176 32.74 14.94 -9.78
N PHE B 177 31.44 14.99 -9.50
CA PHE B 177 30.51 15.65 -10.40
C PHE B 177 29.70 16.81 -9.83
N ASN B 178 30.09 17.26 -8.64
CA ASN B 178 29.40 18.34 -7.92
C ASN B 178 27.89 18.19 -7.76
N ILE B 179 27.44 16.95 -7.64
CA ILE B 179 26.05 16.72 -7.37
C ILE B 179 25.82 16.77 -5.85
N ARG B 180 25.31 17.89 -5.35
CA ARG B 180 25.17 18.06 -3.90
C ARG B 180 23.91 17.39 -3.37
N SER B 181 22.97 17.14 -4.26
CA SER B 181 21.74 16.47 -3.88
C SER B 181 21.19 15.68 -5.03
N VAL B 182 20.67 14.49 -4.71
CA VAL B 182 20.04 13.62 -5.68
C VAL B 182 18.69 13.03 -5.23
N MET B 183 17.75 13.10 -6.15
CA MET B 183 16.41 12.60 -6.00
C MET B 183 16.38 11.30 -6.79
N VAL B 184 16.30 10.15 -6.12
CA VAL B 184 16.10 8.93 -6.88
C VAL B 184 14.63 8.58 -7.04
N GLU B 185 14.22 8.37 -8.29
CA GLU B 185 12.81 8.29 -8.64
C GLU B 185 12.35 6.89 -8.99
N GLY B 186 13.29 6.00 -9.25
CA GLY B 186 12.88 4.71 -9.75
C GLY B 186 13.90 3.70 -10.20
N GLY B 187 13.35 2.64 -10.77
CA GLY B 187 13.86 1.30 -10.59
C GLY B 187 13.18 0.89 -9.29
N ALA B 188 12.13 0.08 -9.38
CA ALA B 188 11.56 -0.48 -8.14
C ALA B 188 12.66 -1.30 -7.49
N ASN B 189 13.50 -1.89 -8.33
CA ASN B 189 14.66 -2.62 -7.89
C ASN B 189 15.54 -1.73 -7.03
N VAL B 190 15.78 -0.51 -7.51
CA VAL B 190 16.55 0.50 -6.80
C VAL B 190 15.86 0.98 -5.51
N ILE B 191 14.56 1.24 -5.58
CA ILE B 191 13.81 1.68 -4.40
C ILE B 191 13.91 0.64 -3.30
N ASN B 192 13.74 -0.62 -3.69
CA ASN B 192 13.69 -1.71 -2.74
C ASN B 192 14.99 -1.84 -1.98
N GLN B 193 16.10 -1.49 -2.64
CA GLN B 193 17.39 -1.59 -1.99
C GLN B 193 17.57 -0.43 -1.04
N LEU B 194 17.28 0.79 -1.50
CA LEU B 194 17.63 1.98 -0.76
C LEU B 194 16.70 2.18 0.46
N LEU B 195 15.55 1.53 0.42
CA LEU B 195 14.61 1.55 1.54
C LEU B 195 15.31 0.98 2.78
N LEU B 196 16.26 0.08 2.53
CA LEU B 196 17.07 -0.54 3.57
C LEU B 196 18.26 0.31 4.01
N ARG B 197 18.43 1.49 3.41
CA ARG B 197 19.65 2.26 3.67
C ARG B 197 19.41 3.57 4.39
N SER B 198 19.20 3.49 5.70
CA SER B 198 18.87 4.66 6.52
C SER B 198 20.12 5.47 6.80
N ASP B 199 21.27 4.85 6.58
CA ASP B 199 22.54 5.51 6.70
C ASP B 199 22.80 6.36 5.44
N ILE B 200 21.93 6.26 4.44
CA ILE B 200 22.14 6.95 3.17
C ILE B 200 21.02 7.93 2.83
N VAL B 201 19.79 7.46 2.89
CA VAL B 201 18.60 8.23 2.52
C VAL B 201 18.19 9.26 3.58
N ASN B 202 17.79 10.43 3.12
CA ASN B 202 17.59 11.56 4.03
C ASN B 202 16.11 11.93 4.09
N SER B 203 15.41 11.72 2.99
CA SER B 203 13.98 12.00 2.89
C SER B 203 13.34 10.89 2.08
N LEU B 204 12.09 10.57 2.43
CA LEU B 204 11.29 9.62 1.67
C LEU B 204 9.97 10.29 1.35
N ILE B 205 9.62 10.33 0.07
CA ILE B 205 8.44 11.06 -0.37
C ILE B 205 7.66 10.15 -1.29
N ILE B 206 6.48 9.75 -0.85
CA ILE B 206 5.69 8.78 -1.58
C ILE B 206 4.33 9.37 -1.88
N THR B 207 3.90 9.21 -3.12
CA THR B 207 2.56 9.58 -3.51
C THR B 207 1.78 8.27 -3.61
N ILE B 208 0.57 8.23 -3.05
CA ILE B 208 -0.28 7.05 -3.21
C ILE B 208 -1.55 7.42 -3.95
N GLY B 209 -1.80 6.75 -5.07
CA GLY B 209 -2.98 7.05 -5.87
C GLY B 209 -4.11 6.14 -5.45
N SER B 210 -5.34 6.67 -5.48
CA SER B 210 -6.50 5.91 -5.06
C SER B 210 -6.97 4.94 -6.13
N THR B 211 -6.10 4.00 -6.47
CA THR B 211 -6.43 2.98 -7.45
C THR B 211 -5.65 1.69 -7.20
N PHE B 212 -6.06 0.61 -7.83
CA PHE B 212 -5.34 -0.65 -7.73
C PHE B 212 -4.81 -0.97 -9.12
N LEU B 213 -3.52 -1.25 -9.24
CA LEU B 213 -2.93 -1.55 -10.54
C LEU B 213 -2.97 -3.03 -10.89
N GLY B 214 -3.14 -3.88 -9.89
CA GLY B 214 -3.22 -5.32 -10.14
C GLY B 214 -1.94 -6.02 -9.70
N SER B 215 -2.06 -7.31 -9.38
CA SER B 215 -0.99 -8.04 -8.71
C SER B 215 0.23 -8.23 -9.61
N SER B 216 0.05 -8.22 -10.93
CA SER B 216 1.17 -8.40 -11.84
C SER B 216 1.97 -7.11 -12.11
N GLY B 217 1.55 -6.01 -11.52
CA GLY B 217 2.31 -4.78 -11.58
C GLY B 217 3.60 -4.93 -10.80
N THR B 218 4.59 -4.11 -11.09
CA THR B 218 5.86 -4.22 -10.39
C THR B 218 5.76 -3.51 -9.05
N GLU B 219 6.07 -4.23 -7.99
CA GLU B 219 5.86 -3.70 -6.65
C GLU B 219 7.11 -3.04 -6.08
N VAL B 220 6.88 -2.07 -5.21
CA VAL B 220 7.92 -1.63 -4.30
C VAL B 220 7.61 -2.19 -2.92
N SER B 221 8.48 -3.09 -2.45
CA SER B 221 8.36 -3.64 -1.12
C SER B 221 9.71 -4.19 -0.72
N PRO B 222 10.34 -3.56 0.28
CA PRO B 222 11.66 -3.97 0.74
C PRO B 222 11.58 -5.42 1.22
N PRO B 223 12.72 -6.14 1.22
CA PRO B 223 12.74 -7.56 1.59
C PRO B 223 12.65 -7.78 3.09
N GLN B 224 12.82 -6.71 3.86
CA GLN B 224 12.57 -6.76 5.29
C GLN B 224 11.68 -5.59 5.71
N THR B 225 11.22 -5.61 6.95
CA THR B 225 10.43 -4.52 7.48
C THR B 225 11.32 -3.31 7.58
N VAL B 226 10.72 -2.15 7.41
CA VAL B 226 11.45 -0.90 7.50
C VAL B 226 10.55 0.08 8.25
N ASN B 227 11.09 0.68 9.30
CA ASN B 227 10.34 1.64 10.09
C ASN B 227 10.64 3.07 9.69
N LEU B 228 9.64 3.93 9.76
CA LEU B 228 9.80 5.34 9.46
C LEU B 228 9.72 6.19 10.72
N LYS B 229 10.07 7.47 10.57
CA LYS B 229 10.00 8.46 11.63
C LYS B 229 9.75 9.83 11.00
N ASP B 230 9.29 10.78 11.81
CA ASP B 230 9.11 12.16 11.36
C ASP B 230 8.17 12.21 10.15
N MET B 231 7.12 11.42 10.21
CA MET B 231 6.21 11.32 9.09
C MET B 231 5.27 12.51 9.05
N SER B 232 4.79 12.81 7.85
CA SER B 232 3.86 13.91 7.63
C SER B 232 3.08 13.55 6.39
N TRP B 233 1.76 13.66 6.49
CA TRP B 233 0.89 13.29 5.38
C TRP B 233 0.24 14.54 4.80
N TRP B 234 -0.02 14.52 3.50
CA TRP B 234 -0.79 15.57 2.85
C TRP B 234 -1.91 14.85 2.10
N LYS B 235 -3.08 15.44 2.05
CA LYS B 235 -4.12 14.80 1.27
C LYS B 235 -4.64 15.68 0.17
N GLY B 236 -4.70 15.13 -1.03
CA GLY B 236 -5.28 15.82 -2.17
C GLY B 236 -6.70 15.34 -2.35
N ILE B 237 -7.17 15.29 -3.59
CA ILE B 237 -8.53 14.83 -3.85
C ILE B 237 -8.56 13.33 -4.19
N THR B 238 -7.60 12.91 -5.01
CA THR B 238 -7.48 11.52 -5.42
C THR B 238 -6.23 10.90 -4.82
N ASP B 239 -5.32 11.76 -4.35
CA ASP B 239 -4.00 11.31 -3.91
C ASP B 239 -3.75 11.64 -2.46
N VAL B 240 -2.76 10.96 -1.92
CA VAL B 240 -2.25 11.32 -0.62
C VAL B 240 -0.74 11.31 -0.78
N VAL B 241 -0.03 12.21 -0.10
CA VAL B 241 1.42 12.20 -0.15
C VAL B 241 2.00 11.99 1.26
N LEU B 242 2.96 11.08 1.38
CA LEU B 242 3.70 10.85 2.62
C LEU B 242 5.12 11.40 2.53
N CYS B 243 5.49 12.24 3.49
CA CYS B 243 6.88 12.60 3.72
C CYS B 243 7.33 12.01 5.05
N ALA B 244 8.56 11.51 5.07
CA ALA B 244 9.10 10.77 6.20
C ALA B 244 10.61 10.61 6.07
N ARG B 245 11.18 10.03 7.12
CA ARG B 245 12.57 9.64 7.14
C ARG B 245 12.65 8.18 7.51
N LEU B 246 13.82 7.59 7.35
CA LEU B 246 14.02 6.18 7.66
C LEU B 246 14.60 6.10 9.07
N ALA B 247 14.05 5.24 9.93
CA ALA B 247 14.57 5.14 11.28
C ALA B 247 15.88 4.37 11.20
N ASP B 248 16.76 4.61 12.18
CA ASP B 248 18.13 4.09 12.25
C ASP B 248 19.10 4.79 11.30
PA NDP C . -8.16 -15.61 4.19
O1A NDP C . -8.36 -15.27 5.75
O2A NDP C . -8.80 -14.64 3.21
O5B NDP C . -8.91 -16.92 3.96
C5B NDP C . -8.46 -17.88 3.03
C4B NDP C . -9.21 -19.14 3.10
O4B NDP C . -10.61 -18.84 3.36
C3B NDP C . -9.18 -19.84 1.86
O3B NDP C . -8.03 -20.63 1.73
C2B NDP C . -10.42 -20.62 1.96
O2B NDP C . -10.31 -21.67 2.89
C1B NDP C . -11.35 -19.66 2.51
N9A NDP C . -12.01 -18.91 1.39
C8A NDP C . -11.84 -17.64 1.00
N7A NDP C . -12.65 -17.44 -0.06
C5A NDP C . -13.32 -18.59 -0.33
C6A NDP C . -14.27 -18.96 -1.29
N6A NDP C . -14.73 -18.00 -2.28
N1A NDP C . -14.76 -20.23 -1.27
C2A NDP C . -14.35 -21.14 -0.35
N3A NDP C . -13.43 -20.79 0.58
C4A NDP C . -12.91 -19.55 0.61
O3 NDP C . -6.66 -15.88 3.87
PN NDP C . -5.46 -14.97 4.14
O1N NDP C . -5.24 -14.30 2.72
O2N NDP C . -4.22 -15.96 4.44
O5D NDP C . -5.69 -13.95 5.29
C5D NDP C . -4.79 -12.86 5.52
C4D NDP C . -4.16 -12.71 6.85
O4D NDP C . -3.94 -11.32 7.11
C3D NDP C . -4.99 -13.18 7.91
O3D NDP C . -4.16 -13.56 9.00
C2D NDP C . -5.77 -12.03 8.30
O2D NDP C . -6.11 -12.07 9.61
C1D NDP C . -4.85 -10.90 8.07
N1N NDP C . -5.59 -9.72 7.68
C2N NDP C . -5.35 -8.55 8.29
C3N NDP C . -6.03 -7.40 7.94
C7N NDP C . -5.74 -6.08 8.66
O7N NDP C . -6.60 -5.17 8.61
N7N NDP C . -4.50 -5.87 9.37
C4N NDP C . -7.00 -7.48 6.92
C5N NDP C . -7.23 -8.70 6.31
C6N NDP C . -6.51 -9.81 6.71
P2B NDP C . -9.98 -23.20 2.47
O1X NDP C . -9.47 -23.28 1.05
O2X NDP C . -8.85 -23.66 3.44
O3X NDP C . -11.24 -24.03 2.63
#